data_5LE4
#
_entry.id   5LE4
#
_cell.length_a   54.290
_cell.length_b   57.080
_cell.length_c   147.560
_cell.angle_alpha   90.00
_cell.angle_beta   90.00
_cell.angle_gamma   90.00
#
_symmetry.space_group_name_H-M   'P 21 21 21'
#
_entity_poly.entity_id   1
_entity_poly.type   'polypeptide(L)'
_entity_poly.pdbx_seq_one_letter_code
;MRGSHHHHHHGSDLGKKLLEAARAGQDDEVRILLANGADVNTADETGFTPLHLAAWEGHLGIVEVLLKNGADVNANDERG
HTPLHLAAYTGHLEIVEVLLKNGAGVNATDVIGTAPLHLAAMWGHLEIVEVLLKNGALVKAKDKFGKTPKDLARDNGNQF
IYELLEKAELLEKLLLEAAREGHRDRVEEFIKRGADVNTADETGFTPLHLAAWEGHLGIVEVLLKNGADVNANDERGHTP
LHLAAYTGHLEIVEVLLKNGAGVNATDVIGTAPLHLAAMWGHLEIVEVLLKHGADVNAQDKFGKTPFDLAIDNGNEDIAE
VLQKAA
;
_entity_poly.pdbx_strand_id   A
#
# COMPACT_ATOMS: atom_id res chain seq x y z
N ASP A 13 4.37 -40.19 8.69
CA ASP A 13 5.01 -40.51 9.96
C ASP A 13 6.25 -39.65 10.17
N LEU A 14 7.16 -39.66 9.20
CA LEU A 14 8.35 -38.82 9.28
C LEU A 14 7.98 -37.34 9.36
N GLY A 15 6.89 -36.95 8.70
CA GLY A 15 6.48 -35.56 8.73
C GLY A 15 6.20 -35.06 10.13
N LYS A 16 5.38 -35.81 10.87
CA LYS A 16 5.04 -35.41 12.24
C LYS A 16 6.30 -35.32 13.11
N LYS A 17 7.19 -36.31 12.99
CA LYS A 17 8.40 -36.30 13.80
C LYS A 17 9.23 -35.04 13.54
N LEU A 18 9.46 -34.70 12.28
CA LEU A 18 10.24 -33.51 11.95
C LEU A 18 9.59 -32.26 12.53
N LEU A 19 8.26 -32.14 12.43
CA LEU A 19 7.58 -30.96 12.93
C LEU A 19 7.79 -30.79 14.42
N GLU A 20 7.71 -31.89 15.18
CA GLU A 20 7.83 -31.79 16.64
C GLU A 20 9.28 -31.70 17.09
N ALA A 21 10.22 -32.22 16.29
CA ALA A 21 11.63 -32.04 16.61
C ALA A 21 12.07 -30.59 16.40
N ALA A 22 11.39 -29.87 15.51
CA ALA A 22 11.67 -28.44 15.33
C ALA A 22 11.08 -27.63 16.46
N ARG A 23 9.79 -27.85 16.76
CA ARG A 23 9.15 -27.19 17.88
C ARG A 23 9.95 -27.40 19.18
N ALA A 24 10.44 -28.62 19.38
CA ALA A 24 11.08 -28.98 20.64
C ALA A 24 12.54 -28.53 20.71
N GLY A 25 13.15 -28.16 19.58
CA GLY A 25 14.53 -27.71 19.60
C GLY A 25 15.55 -28.82 19.65
N GLN A 26 15.24 -29.99 19.09
CA GLN A 26 16.14 -31.13 19.10
C GLN A 26 16.95 -31.11 17.81
N ASP A 27 18.13 -30.50 17.88
CA ASP A 27 18.94 -30.28 16.67
C ASP A 27 19.35 -31.62 16.04
N ASP A 28 19.90 -32.53 16.83
CA ASP A 28 20.38 -33.79 16.28
C ASP A 28 19.25 -34.59 15.64
N GLU A 29 18.06 -34.54 16.23
CA GLU A 29 16.94 -35.33 15.70
C GLU A 29 16.39 -34.74 14.40
N VAL A 30 16.56 -33.42 14.19
CA VAL A 30 16.15 -32.83 12.93
C VAL A 30 17.12 -33.25 11.81
N ARG A 31 18.41 -33.37 12.14
CA ARG A 31 19.37 -33.82 11.14
C ARG A 31 19.06 -35.25 10.70
N ILE A 32 18.79 -36.14 11.66
CA ILE A 32 18.57 -37.54 11.34
C ILE A 32 17.35 -37.70 10.45
N LEU A 33 16.26 -36.99 10.78
CA LEU A 33 15.02 -37.15 10.03
C LEU A 33 15.18 -36.69 8.59
N LEU A 34 15.83 -35.53 8.38
CA LEU A 34 16.04 -35.03 7.03
C LEU A 34 16.94 -35.96 6.21
N ALA A 35 17.89 -36.63 6.87
CA ALA A 35 18.75 -37.56 6.14
C ALA A 35 18.03 -38.86 5.78
N ASN A 36 16.92 -39.16 6.45
CA ASN A 36 16.11 -40.32 6.13
C ASN A 36 14.99 -40.01 5.15
N GLY A 37 15.01 -38.83 4.52
CA GLY A 37 14.05 -38.48 3.49
C GLY A 37 12.87 -37.66 3.94
N ALA A 38 12.84 -37.21 5.19
CA ALA A 38 11.70 -36.44 5.68
C ALA A 38 11.53 -35.16 4.88
N ASP A 39 10.30 -34.90 4.46
CA ASP A 39 10.01 -33.73 3.63
C ASP A 39 10.23 -32.46 4.44
N VAL A 40 11.13 -31.59 3.95
CA VAL A 40 11.44 -30.37 4.67
C VAL A 40 10.27 -29.40 4.67
N ASN A 41 9.44 -29.42 3.61
CA ASN A 41 8.32 -28.51 3.48
C ASN A 41 7.01 -29.09 4.01
N THR A 42 7.09 -30.14 4.84
CA THR A 42 5.89 -30.71 5.44
C THR A 42 5.06 -29.62 6.12
N ALA A 43 3.74 -29.80 6.11
CA ALA A 43 2.81 -28.84 6.67
C ALA A 43 1.80 -29.56 7.55
N ASP A 44 1.49 -28.96 8.70
CA ASP A 44 0.51 -29.53 9.63
C ASP A 44 -0.89 -29.07 9.24
N GLU A 45 -1.86 -29.25 10.14
CA GLU A 45 -3.26 -29.03 9.79
C GLU A 45 -3.54 -27.56 9.48
N THR A 46 -2.81 -26.62 10.07
CA THR A 46 -3.03 -25.20 9.85
C THR A 46 -1.99 -24.57 8.94
N GLY A 47 -1.11 -25.37 8.34
CA GLY A 47 -0.13 -24.86 7.40
C GLY A 47 1.22 -24.54 7.99
N PHE A 48 1.41 -24.75 9.28
CA PHE A 48 2.74 -24.56 9.88
C PHE A 48 3.69 -25.62 9.36
N THR A 49 4.87 -25.17 8.94
CA THR A 49 5.95 -26.04 8.50
C THR A 49 7.06 -26.06 9.52
N PRO A 50 8.02 -26.98 9.40
CA PRO A 50 9.12 -27.00 10.38
C PRO A 50 9.80 -25.65 10.55
N LEU A 51 10.01 -24.91 9.45
CA LEU A 51 10.64 -23.61 9.56
C LEU A 51 9.75 -22.61 10.31
N HIS A 52 8.42 -22.72 10.16
CA HIS A 52 7.53 -21.90 10.98
C HIS A 52 7.80 -22.12 12.46
N LEU A 53 7.79 -23.39 12.89
CA LEU A 53 7.89 -23.70 14.31
C LEU A 53 9.24 -23.30 14.87
N ALA A 54 10.32 -23.61 14.15
CA ALA A 54 11.65 -23.24 14.62
C ALA A 54 11.79 -21.74 14.78
N ALA A 55 11.11 -20.96 13.94
CA ALA A 55 11.17 -19.51 14.06
C ALA A 55 10.37 -19.02 15.27
N TRP A 56 9.20 -19.60 15.50
CA TRP A 56 8.37 -19.20 16.63
C TRP A 56 9.09 -19.47 17.95
N GLU A 57 9.62 -20.68 18.12
CA GLU A 57 10.26 -21.04 19.38
C GLU A 57 11.64 -20.42 19.54
N GLY A 58 12.25 -19.96 18.44
CA GLY A 58 13.54 -19.30 18.53
C GLY A 58 14.73 -20.23 18.52
N HIS A 59 14.71 -21.27 17.68
CA HIS A 59 15.82 -22.22 17.58
C HIS A 59 16.65 -21.87 16.35
N LEU A 60 17.67 -21.03 16.55
CA LEU A 60 18.46 -20.52 15.43
C LEU A 60 19.10 -21.66 14.66
N GLY A 61 19.77 -22.58 15.36
CA GLY A 61 20.44 -23.68 14.68
C GLY A 61 19.54 -24.42 13.71
N ILE A 62 18.34 -24.79 14.17
CA ILE A 62 17.42 -25.56 13.33
C ILE A 62 17.00 -24.74 12.12
N VAL A 63 16.66 -23.47 12.33
CA VAL A 63 16.30 -22.59 11.22
C VAL A 63 17.33 -22.69 10.11
N GLU A 64 18.61 -22.63 10.47
CA GLU A 64 19.67 -22.60 9.46
C GLU A 64 19.79 -23.93 8.73
N VAL A 65 19.55 -25.04 9.42
CA VAL A 65 19.63 -26.36 8.79
C VAL A 65 18.46 -26.58 7.85
N LEU A 66 17.26 -26.15 8.26
CA LEU A 66 16.07 -26.36 7.43
C LEU A 66 16.20 -25.63 6.11
N LEU A 67 16.53 -24.33 6.16
CA LEU A 67 16.79 -23.58 4.93
C LEU A 67 17.91 -24.24 4.13
N LYS A 68 18.92 -24.80 4.82
CA LYS A 68 20.02 -25.46 4.14
C LYS A 68 19.57 -26.70 3.38
N ASN A 69 18.40 -27.25 3.72
CA ASN A 69 17.85 -28.42 3.05
C ASN A 69 16.71 -28.07 2.10
N GLY A 70 16.64 -26.82 1.66
CA GLY A 70 15.63 -26.42 0.69
C GLY A 70 14.27 -26.13 1.29
N ALA A 71 14.22 -25.52 2.47
CA ALA A 71 12.96 -25.21 3.11
C ALA A 71 12.39 -23.90 2.56
N ASP A 72 11.12 -23.94 2.16
CA ASP A 72 10.42 -22.78 1.65
C ASP A 72 10.44 -21.64 2.65
N VAL A 73 11.20 -20.58 2.37
CA VAL A 73 11.36 -19.49 3.32
C VAL A 73 10.11 -18.62 3.42
N ASN A 74 9.21 -18.68 2.43
CA ASN A 74 8.03 -17.83 2.40
C ASN A 74 6.74 -18.64 2.44
N ALA A 75 6.77 -19.83 3.05
CA ALA A 75 5.58 -20.63 3.21
C ALA A 75 4.53 -19.87 4.02
N ASN A 76 3.26 -20.10 3.70
CA ASN A 76 2.13 -19.40 4.32
C ASN A 76 1.27 -20.39 5.07
N ASP A 77 1.05 -20.14 6.36
CA ASP A 77 0.08 -20.92 7.12
C ASP A 77 -1.34 -20.56 6.66
N GLU A 78 -2.34 -21.16 7.31
CA GLU A 78 -3.73 -20.93 6.94
C GLU A 78 -4.09 -19.45 7.01
N ARG A 79 -3.40 -18.68 7.83
CA ARG A 79 -3.72 -17.28 8.07
C ARG A 79 -2.88 -16.32 7.25
N GLY A 80 -1.83 -16.82 6.59
CA GLY A 80 -0.95 -15.98 5.80
C GLY A 80 0.33 -15.59 6.48
N HIS A 81 0.63 -16.15 7.65
CA HIS A 81 1.88 -15.88 8.33
C HIS A 81 3.01 -16.66 7.65
N THR A 82 4.14 -16.00 7.48
CA THR A 82 5.38 -16.61 7.03
C THR A 82 6.33 -16.74 8.21
N PRO A 83 7.42 -17.50 8.05
CA PRO A 83 8.40 -17.57 9.14
C PRO A 83 8.89 -16.20 9.59
N LEU A 84 9.03 -15.25 8.67
CA LEU A 84 9.47 -13.91 9.05
C LEU A 84 8.43 -13.20 9.91
N HIS A 85 7.14 -13.36 9.60
CA HIS A 85 6.10 -12.82 10.47
C HIS A 85 6.31 -13.30 11.91
N LEU A 86 6.59 -14.59 12.09
CA LEU A 86 6.67 -15.17 13.42
C LEU A 86 7.94 -14.73 14.15
N ALA A 87 9.07 -14.69 13.45
CA ALA A 87 10.31 -14.21 14.06
C ALA A 87 10.16 -12.77 14.55
N ALA A 88 9.52 -11.91 13.74
CA ALA A 88 9.32 -10.52 14.14
C ALA A 88 8.31 -10.39 15.26
N TYR A 89 7.39 -11.35 15.37
CA TYR A 89 6.40 -11.35 16.43
C TYR A 89 7.03 -11.71 17.77
N THR A 90 7.82 -12.78 17.82
CA THR A 90 8.46 -13.22 19.05
C THR A 90 9.75 -12.44 19.37
N GLY A 91 10.27 -11.68 18.42
CA GLY A 91 11.43 -10.84 18.71
C GLY A 91 12.78 -11.52 18.58
N HIS A 92 12.92 -12.49 17.67
CA HIS A 92 14.16 -13.24 17.52
C HIS A 92 15.02 -12.56 16.45
N LEU A 93 15.89 -11.67 16.88
CA LEU A 93 16.65 -10.84 15.94
C LEU A 93 17.50 -11.71 15.00
N GLU A 94 18.31 -12.60 15.58
CA GLU A 94 19.22 -13.40 14.76
C GLU A 94 18.45 -14.19 13.70
N ILE A 95 17.28 -14.71 14.05
CA ILE A 95 16.52 -15.52 13.10
C ILE A 95 15.94 -14.65 11.98
N VAL A 96 15.51 -13.43 12.32
CA VAL A 96 15.03 -12.52 11.29
C VAL A 96 16.10 -12.32 10.21
N GLU A 97 17.32 -12.02 10.65
CA GLU A 97 18.39 -11.73 9.70
C GLU A 97 18.70 -12.94 8.83
N VAL A 98 18.61 -14.14 9.38
CA VAL A 98 18.82 -15.35 8.58
C VAL A 98 17.74 -15.46 7.51
N LEU A 99 16.48 -15.26 7.89
CA LEU A 99 15.38 -15.43 6.95
C LEU A 99 15.49 -14.46 5.78
N LEU A 100 15.74 -13.19 6.07
CA LEU A 100 15.93 -12.21 5.01
C LEU A 100 17.14 -12.56 4.14
N LYS A 101 18.23 -12.98 4.77
CA LYS A 101 19.43 -13.35 4.01
C LYS A 101 19.12 -14.46 3.01
N ASN A 102 18.14 -15.31 3.31
CA ASN A 102 17.79 -16.43 2.44
C ASN A 102 16.63 -16.12 1.51
N GLY A 103 16.27 -14.84 1.37
CA GLY A 103 15.27 -14.45 0.40
C GLY A 103 13.86 -14.35 0.95
N ALA A 104 13.70 -14.01 2.22
CA ALA A 104 12.37 -13.88 2.81
C ALA A 104 11.74 -12.55 2.41
N GLY A 105 10.44 -12.59 2.13
CA GLY A 105 9.72 -11.41 1.69
C GLY A 105 9.49 -10.42 2.81
N VAL A 106 10.20 -9.28 2.77
CA VAL A 106 10.13 -8.32 3.87
C VAL A 106 8.78 -7.61 3.91
N ASN A 107 8.05 -7.57 2.80
CA ASN A 107 6.76 -6.91 2.75
C ASN A 107 5.60 -7.89 2.59
N ALA A 108 5.84 -9.19 2.80
CA ALA A 108 4.74 -10.15 2.80
C ALA A 108 3.67 -9.72 3.79
N THR A 109 2.41 -10.00 3.46
CA THR A 109 1.28 -9.62 4.28
C THR A 109 0.34 -10.81 4.42
N ASP A 110 -0.26 -10.96 5.60
CA ASP A 110 -1.20 -12.04 5.85
C ASP A 110 -2.59 -11.61 5.39
N VAL A 111 -3.62 -12.35 5.81
CA VAL A 111 -4.96 -12.14 5.28
C VAL A 111 -5.61 -10.85 5.77
N ILE A 112 -4.98 -10.15 6.72
CA ILE A 112 -5.53 -8.88 7.19
C ILE A 112 -4.46 -7.81 7.01
N GLY A 113 -3.60 -8.00 6.01
CA GLY A 113 -2.64 -7.01 5.60
C GLY A 113 -1.56 -6.70 6.62
N THR A 114 -1.18 -7.69 7.43
CA THR A 114 -0.17 -7.49 8.46
C THR A 114 1.20 -7.86 7.92
N ALA A 115 2.12 -6.90 7.94
CA ALA A 115 3.48 -7.13 7.53
C ALA A 115 4.36 -7.36 8.75
N PRO A 116 5.55 -7.92 8.57
CA PRO A 116 6.46 -8.07 9.71
C PRO A 116 6.67 -6.78 10.49
N LEU A 117 6.76 -5.64 9.80
CA LEU A 117 7.02 -4.38 10.50
C LEU A 117 5.90 -4.03 11.47
N HIS A 118 4.64 -4.29 11.08
CA HIS A 118 3.53 -4.09 12.01
C HIS A 118 3.76 -4.82 13.32
N LEU A 119 4.22 -6.07 13.24
CA LEU A 119 4.34 -6.91 14.44
C LEU A 119 5.52 -6.47 15.28
N ALA A 120 6.69 -6.29 14.66
CA ALA A 120 7.85 -5.77 15.38
C ALA A 120 7.52 -4.47 16.12
N ALA A 121 6.86 -3.54 15.43
CA ALA A 121 6.55 -2.25 16.03
C ALA A 121 5.54 -2.38 17.15
N MET A 122 4.62 -3.33 17.04
CA MET A 122 3.58 -3.51 18.05
C MET A 122 4.15 -4.14 19.31
N TRP A 123 4.96 -5.20 19.17
CA TRP A 123 5.52 -5.86 20.33
C TRP A 123 6.77 -5.17 20.89
N GLY A 124 7.25 -4.11 20.25
CA GLY A 124 8.31 -3.31 20.81
C GLY A 124 9.69 -3.91 20.64
N HIS A 125 10.02 -4.30 19.41
CA HIS A 125 11.31 -4.91 19.09
C HIS A 125 12.10 -3.91 18.25
N LEU A 126 12.81 -3.01 18.94
CA LEU A 126 13.49 -1.92 18.25
C LEU A 126 14.47 -2.44 17.21
N GLU A 127 15.34 -3.37 17.59
CA GLU A 127 16.36 -3.86 16.67
C GLU A 127 15.74 -4.46 15.41
N ILE A 128 14.63 -5.19 15.55
CA ILE A 128 14.03 -5.83 14.38
C ILE A 128 13.37 -4.79 13.48
N VAL A 129 12.72 -3.78 14.07
CA VAL A 129 12.22 -2.66 13.27
C VAL A 129 13.34 -2.10 12.40
N GLU A 130 14.52 -1.91 13.00
CA GLU A 130 15.64 -1.32 12.25
C GLU A 130 16.11 -2.24 11.14
N VAL A 131 16.21 -3.55 11.42
CA VAL A 131 16.66 -4.49 10.39
C VAL A 131 15.63 -4.60 9.28
N LEU A 132 14.34 -4.62 9.64
CA LEU A 132 13.29 -4.70 8.62
C LEU A 132 13.31 -3.47 7.72
N LEU A 133 13.48 -2.28 8.30
CA LEU A 133 13.58 -1.07 7.49
C LEU A 133 14.78 -1.14 6.56
N LYS A 134 15.91 -1.68 7.05
CA LYS A 134 17.12 -1.73 6.24
C LYS A 134 16.95 -2.61 5.01
N ASN A 135 16.03 -3.58 5.03
CA ASN A 135 15.81 -4.48 3.92
C ASN A 135 14.61 -4.08 3.06
N GLY A 136 14.16 -2.83 3.17
CA GLY A 136 13.10 -2.33 2.31
C GLY A 136 11.70 -2.52 2.83
N ALA A 137 11.53 -2.63 4.15
CA ALA A 137 10.18 -2.67 4.73
C ALA A 137 9.46 -1.35 4.46
N LEU A 138 8.23 -1.45 3.98
CA LEU A 138 7.43 -0.26 3.71
C LEU A 138 7.10 0.45 5.02
N VAL A 139 7.46 1.73 5.10
CA VAL A 139 7.31 2.48 6.34
C VAL A 139 5.84 2.74 6.64
N LYS A 140 5.04 3.04 5.61
CA LYS A 140 3.65 3.44 5.79
C LYS A 140 2.67 2.32 5.45
N ALA A 141 3.12 1.08 5.41
CA ALA A 141 2.23 -0.03 5.06
C ALA A 141 1.01 -0.05 5.96
N LYS A 142 -0.17 -0.04 5.34
CA LYS A 142 -1.43 -0.04 6.07
C LYS A 142 -2.02 -1.45 6.07
N ASP A 143 -2.50 -1.89 7.24
CA ASP A 143 -3.11 -3.21 7.34
C ASP A 143 -4.59 -3.12 6.96
N LYS A 144 -5.31 -4.22 7.16
CA LYS A 144 -6.74 -4.26 6.84
C LYS A 144 -7.52 -3.19 7.59
N PHE A 145 -7.01 -2.70 8.72
CA PHE A 145 -7.74 -1.78 9.57
C PHE A 145 -7.19 -0.35 9.49
N GLY A 146 -6.48 -0.02 8.40
CA GLY A 146 -5.96 1.31 8.20
C GLY A 146 -4.80 1.71 9.09
N LYS A 147 -4.16 0.75 9.74
CA LYS A 147 -3.12 1.07 10.72
C LYS A 147 -1.73 0.77 10.16
N THR A 148 -0.83 1.75 10.28
CA THR A 148 0.58 1.59 9.95
C THR A 148 1.33 1.05 11.15
N PRO A 149 2.60 0.65 10.96
CA PRO A 149 3.43 0.31 12.12
C PRO A 149 3.57 1.44 13.11
N LYS A 150 3.60 2.69 12.62
CA LYS A 150 3.71 3.83 13.53
C LYS A 150 2.49 3.95 14.43
N ASP A 151 1.30 3.76 13.86
CA ASP A 151 0.09 3.75 14.67
C ASP A 151 0.17 2.69 15.77
N LEU A 152 0.54 1.46 15.40
CA LEU A 152 0.57 0.37 16.37
C LEU A 152 1.60 0.65 17.47
N ALA A 153 2.73 1.28 17.13
CA ALA A 153 3.72 1.59 18.13
C ALA A 153 3.24 2.69 19.07
N ARG A 154 2.53 3.69 18.52
CA ARG A 154 1.97 4.75 19.35
C ARG A 154 0.96 4.17 20.35
N ASP A 155 -0.02 3.42 19.85
CA ASP A 155 -1.08 2.91 20.73
C ASP A 155 -0.52 1.99 21.81
N ASN A 156 0.65 1.38 21.60
CA ASN A 156 1.26 0.52 22.60
C ASN A 156 2.40 1.19 23.35
N GLY A 157 2.52 2.51 23.23
CA GLY A 157 3.47 3.26 24.04
C GLY A 157 4.92 2.91 23.82
N ASN A 158 5.27 2.39 22.64
CA ASN A 158 6.68 2.10 22.32
C ASN A 158 7.29 3.37 21.75
N GLN A 159 7.74 4.24 22.66
CA GLN A 159 8.11 5.60 22.28
C GLN A 159 9.22 5.61 21.25
N PHE A 160 10.31 4.89 21.50
CA PHE A 160 11.46 4.94 20.61
C PHE A 160 11.09 4.52 19.19
N ILE A 161 10.26 3.48 19.06
CA ILE A 161 9.88 3.00 17.73
C ILE A 161 9.01 4.03 17.02
N TYR A 162 8.09 4.66 17.76
CA TYR A 162 7.27 5.72 17.18
C TYR A 162 8.14 6.82 16.60
N GLU A 163 9.08 7.34 17.40
CA GLU A 163 9.93 8.43 16.94
C GLU A 163 10.79 8.03 15.76
N LEU A 164 11.16 6.74 15.66
CA LEU A 164 11.99 6.29 14.54
C LEU A 164 11.17 6.23 13.25
N LEU A 165 9.96 5.69 13.31
CA LEU A 165 9.12 5.62 12.12
C LEU A 165 8.60 7.01 11.73
N GLU A 166 8.34 7.87 12.72
CA GLU A 166 7.96 9.25 12.44
C GLU A 166 9.06 9.96 11.67
N LYS A 167 10.32 9.76 12.08
CA LYS A 167 11.44 10.32 11.34
C LYS A 167 11.51 9.74 9.93
N ALA A 168 11.32 8.42 9.81
CA ALA A 168 11.35 7.77 8.51
C ALA A 168 10.18 8.18 7.61
N GLU A 169 9.18 8.87 8.15
CA GLU A 169 8.05 9.37 7.37
C GLU A 169 8.15 10.86 7.08
N LEU A 170 9.05 11.57 7.76
CA LEU A 170 8.98 13.04 7.78
C LEU A 170 9.15 13.62 6.38
N LEU A 171 10.17 13.15 5.66
CA LEU A 171 10.44 13.67 4.32
C LEU A 171 9.20 13.54 3.44
N GLU A 172 8.53 12.39 3.49
CA GLU A 172 7.33 12.20 2.69
C GLU A 172 6.17 13.07 3.21
N LYS A 173 6.15 13.31 4.53
CA LYS A 173 5.13 14.18 5.11
C LYS A 173 5.27 15.62 4.60
N LEU A 174 6.49 16.15 4.62
CA LEU A 174 6.70 17.53 4.19
C LEU A 174 6.35 17.74 2.73
N LEU A 175 6.55 16.72 1.89
CA LEU A 175 6.11 16.82 0.50
C LEU A 175 4.59 16.94 0.43
N LEU A 176 3.87 16.11 1.20
CA LEU A 176 2.41 16.17 1.20
C LEU A 176 1.93 17.53 1.69
N GLU A 177 2.50 18.03 2.79
CA GLU A 177 2.11 19.35 3.28
C GLU A 177 2.46 20.44 2.28
N ALA A 178 3.65 20.36 1.67
CA ALA A 178 4.05 21.34 0.67
C ALA A 178 3.08 21.34 -0.50
N ALA A 179 2.64 20.17 -0.96
CA ALA A 179 1.74 20.09 -2.10
C ALA A 179 0.35 20.61 -1.75
N ARG A 180 -0.08 20.42 -0.50
CA ARG A 180 -1.39 20.89 -0.08
C ARG A 180 -1.40 22.42 0.07
N GLU A 181 -0.42 22.96 0.78
CA GLU A 181 -0.35 24.40 1.00
C GLU A 181 0.05 25.18 -0.25
N GLY A 182 0.57 24.53 -1.28
CA GLY A 182 0.86 25.20 -2.53
C GLY A 182 2.22 25.85 -2.61
N HIS A 183 3.23 25.29 -1.95
CA HIS A 183 4.56 25.90 -1.89
C HIS A 183 5.46 25.19 -2.90
N ARG A 184 5.62 25.80 -4.07
CA ARG A 184 6.28 25.11 -5.18
C ARG A 184 7.77 24.86 -4.88
N ASP A 185 8.44 25.84 -4.28
CA ASP A 185 9.87 25.68 -4.01
C ASP A 185 10.11 24.52 -3.04
N ARG A 186 9.19 24.28 -2.11
CA ARG A 186 9.34 23.18 -1.18
C ARG A 186 9.07 21.84 -1.84
N VAL A 187 8.06 21.79 -2.72
CA VAL A 187 7.81 20.58 -3.50
C VAL A 187 9.06 20.21 -4.30
N GLU A 188 9.60 21.16 -5.06
CA GLU A 188 10.81 20.90 -5.84
C GLU A 188 11.94 20.44 -4.93
N GLU A 189 12.11 21.09 -3.78
CA GLU A 189 13.22 20.76 -2.90
C GLU A 189 13.13 19.32 -2.40
N PHE A 190 11.94 18.91 -1.97
CA PHE A 190 11.78 17.59 -1.35
C PHE A 190 11.84 16.48 -2.37
N ILE A 191 11.36 16.71 -3.60
CA ILE A 191 11.58 15.76 -4.67
C ILE A 191 13.08 15.60 -4.91
N LYS A 192 13.81 16.71 -4.97
CA LYS A 192 15.26 16.66 -5.19
C LYS A 192 16.00 15.94 -4.08
N ARG A 193 15.38 15.77 -2.91
CA ARG A 193 16.01 15.11 -1.78
C ARG A 193 15.54 13.67 -1.58
N GLY A 194 14.84 13.11 -2.56
CA GLY A 194 14.46 11.72 -2.53
C GLY A 194 13.06 11.44 -2.05
N ALA A 195 12.18 12.45 -1.99
CA ALA A 195 10.81 12.23 -1.57
C ALA A 195 10.09 11.33 -2.56
N ASP A 196 9.40 10.32 -2.04
CA ASP A 196 8.59 9.44 -2.87
C ASP A 196 7.40 10.21 -3.43
N VAL A 197 7.44 10.50 -4.73
CA VAL A 197 6.41 11.33 -5.36
C VAL A 197 5.03 10.69 -5.26
N ASN A 198 4.96 9.37 -5.04
CA ASN A 198 3.70 8.66 -4.99
C ASN A 198 3.28 8.29 -3.57
N THR A 199 3.96 8.81 -2.55
CA THR A 199 3.55 8.56 -1.18
C THR A 199 2.09 8.94 -0.99
N ALA A 200 1.47 8.48 0.09
CA ALA A 200 0.05 8.70 0.34
C ALA A 200 -0.16 9.15 1.78
N ASP A 201 -1.25 9.88 1.99
CA ASP A 201 -1.60 10.33 3.33
C ASP A 201 -2.58 9.35 3.96
N GLU A 202 -3.19 9.76 5.08
CA GLU A 202 -4.01 8.85 5.87
C GLU A 202 -5.23 8.32 5.10
N THR A 203 -5.62 8.97 4.01
CA THR A 203 -6.76 8.54 3.21
C THR A 203 -6.39 8.17 1.78
N GLY A 204 -5.10 8.05 1.46
CA GLY A 204 -4.69 7.67 0.14
C GLY A 204 -4.42 8.81 -0.82
N PHE A 205 -4.67 10.06 -0.42
CA PHE A 205 -4.33 11.20 -1.26
C PHE A 205 -2.81 11.26 -1.43
N THR A 206 -2.37 11.29 -2.68
CA THR A 206 -0.97 11.53 -3.01
C THR A 206 -0.76 13.04 -3.16
N PRO A 207 0.50 13.48 -3.26
CA PRO A 207 0.72 14.92 -3.50
C PRO A 207 -0.04 15.42 -4.72
N LEU A 208 -0.19 14.57 -5.73
CA LEU A 208 -0.94 14.97 -6.93
C LEU A 208 -2.42 15.11 -6.64
N HIS A 209 -2.99 14.23 -5.83
CA HIS A 209 -4.37 14.39 -5.39
C HIS A 209 -4.56 15.74 -4.71
N LEU A 210 -3.63 16.10 -3.82
CA LEU A 210 -3.81 17.30 -3.01
C LEU A 210 -3.62 18.57 -3.82
N ALA A 211 -2.73 18.56 -4.81
CA ALA A 211 -2.54 19.73 -5.65
C ALA A 211 -3.73 19.94 -6.57
N ALA A 212 -4.31 18.85 -7.09
CA ALA A 212 -5.52 18.97 -7.90
C ALA A 212 -6.70 19.43 -7.05
N TRP A 213 -6.79 18.95 -5.81
CA TRP A 213 -7.88 19.33 -4.93
C TRP A 213 -7.83 20.82 -4.60
N GLU A 214 -6.63 21.36 -4.39
CA GLU A 214 -6.47 22.76 -4.01
C GLU A 214 -6.25 23.68 -5.21
N GLY A 215 -6.15 23.14 -6.42
CA GLY A 215 -6.03 23.97 -7.60
C GLY A 215 -4.64 24.51 -7.87
N HIS A 216 -3.60 23.89 -7.32
CA HIS A 216 -2.23 24.36 -7.50
C HIS A 216 -1.70 23.80 -8.82
N LEU A 217 -1.98 24.52 -9.91
CA LEU A 217 -1.63 24.05 -11.24
C LEU A 217 -0.12 23.84 -11.39
N GLY A 218 0.68 24.82 -10.94
CA GLY A 218 2.11 24.72 -11.10
C GLY A 218 2.67 23.44 -10.51
N ILE A 219 2.20 23.08 -9.32
CA ILE A 219 2.70 21.90 -8.63
C ILE A 219 2.22 20.63 -9.31
N VAL A 220 1.03 20.65 -9.92
CA VAL A 220 0.56 19.50 -10.68
C VAL A 220 1.48 19.23 -11.86
N GLU A 221 1.98 20.29 -12.50
CA GLU A 221 2.90 20.11 -13.62
C GLU A 221 4.24 19.59 -13.14
N VAL A 222 4.71 20.07 -11.98
CA VAL A 222 6.00 19.61 -11.45
C VAL A 222 5.93 18.15 -11.06
N LEU A 223 4.86 17.74 -10.39
CA LEU A 223 4.75 16.35 -9.94
C LEU A 223 4.76 15.38 -11.12
N LEU A 224 3.92 15.64 -12.13
CA LEU A 224 3.92 14.79 -13.32
C LEU A 224 5.28 14.80 -14.00
N LYS A 225 5.99 15.93 -13.94
CA LYS A 225 7.31 16.03 -14.55
C LYS A 225 8.31 15.10 -13.88
N ASN A 226 8.11 14.78 -12.60
CA ASN A 226 9.00 13.91 -11.85
C ASN A 226 8.40 12.54 -11.59
N GLY A 227 7.55 12.06 -12.50
CA GLY A 227 7.04 10.70 -12.43
C GLY A 227 6.02 10.46 -11.35
N ALA A 228 5.02 11.32 -11.24
CA ALA A 228 3.89 11.08 -10.36
C ALA A 228 2.85 10.23 -11.07
N ASP A 229 2.19 9.36 -10.31
CA ASP A 229 1.18 8.47 -10.87
C ASP A 229 -0.08 9.27 -11.15
N VAL A 230 -0.43 9.37 -12.44
CA VAL A 230 -1.56 10.21 -12.86
C VAL A 230 -2.88 9.53 -12.54
N ASN A 231 -2.91 8.21 -12.48
CA ASN A 231 -4.13 7.44 -12.22
C ASN A 231 -4.11 6.77 -10.85
N ALA A 232 -3.46 7.40 -9.88
CA ALA A 232 -3.44 6.87 -8.52
C ALA A 232 -4.82 7.00 -7.89
N ASN A 233 -5.20 5.98 -7.11
CA ASN A 233 -6.46 5.97 -6.40
C ASN A 233 -6.22 6.16 -4.91
N ASP A 234 -7.15 6.87 -4.26
CA ASP A 234 -7.17 6.92 -2.81
C ASP A 234 -8.01 5.76 -2.30
N GLU A 235 -8.35 5.76 -1.00
CA GLU A 235 -9.06 4.63 -0.44
C GLU A 235 -10.49 4.49 -0.97
N ARG A 236 -10.98 5.46 -1.75
CA ARG A 236 -12.33 5.42 -2.29
C ARG A 236 -12.35 5.39 -3.81
N GLY A 237 -11.21 5.18 -4.47
CA GLY A 237 -11.16 5.03 -5.90
C GLY A 237 -11.07 6.32 -6.70
N HIS A 238 -11.03 7.48 -6.04
CA HIS A 238 -10.94 8.74 -6.75
C HIS A 238 -9.53 8.91 -7.33
N THR A 239 -9.45 9.15 -8.63
CA THR A 239 -8.20 9.55 -9.26
C THR A 239 -8.05 11.06 -9.20
N PRO A 240 -6.88 11.57 -9.56
CA PRO A 240 -6.73 13.04 -9.60
C PRO A 240 -7.73 13.71 -10.53
N LEU A 241 -8.00 13.08 -11.69
CA LEU A 241 -8.98 13.65 -12.61
C LEU A 241 -10.34 13.78 -11.97
N HIS A 242 -10.74 12.80 -11.15
CA HIS A 242 -11.98 12.91 -10.38
C HIS A 242 -12.01 14.23 -9.60
N LEU A 243 -10.97 14.47 -8.79
CA LEU A 243 -10.97 15.66 -7.93
C LEU A 243 -11.00 16.94 -8.76
N ALA A 244 -10.28 16.96 -9.88
CA ALA A 244 -10.25 18.16 -10.71
C ALA A 244 -11.59 18.44 -11.37
N ALA A 245 -12.38 17.40 -11.63
CA ALA A 245 -13.70 17.61 -12.22
C ALA A 245 -14.72 18.04 -11.17
N TYR A 246 -14.55 17.61 -9.92
CA TYR A 246 -15.41 18.06 -8.85
C TYR A 246 -15.18 19.54 -8.53
N THR A 247 -13.92 19.92 -8.33
CA THR A 247 -13.62 21.29 -7.96
C THR A 247 -13.81 22.25 -9.13
N GLY A 248 -13.70 21.76 -10.35
CA GLY A 248 -13.91 22.60 -11.52
C GLY A 248 -12.73 23.43 -11.95
N HIS A 249 -11.53 22.86 -11.89
CA HIS A 249 -10.32 23.55 -12.34
C HIS A 249 -9.99 23.03 -13.73
N LEU A 250 -10.43 23.76 -14.75
CA LEU A 250 -10.29 23.30 -16.14
C LEU A 250 -8.83 22.99 -16.48
N GLU A 251 -7.92 23.92 -16.14
CA GLU A 251 -6.55 23.80 -16.61
C GLU A 251 -5.90 22.52 -16.07
N ILE A 252 -6.23 22.12 -14.84
CA ILE A 252 -5.70 20.89 -14.29
C ILE A 252 -6.30 19.68 -14.98
N VAL A 253 -7.58 19.77 -15.38
CA VAL A 253 -8.18 18.67 -16.15
C VAL A 253 -7.42 18.48 -17.46
N GLU A 254 -7.01 19.58 -18.08
CA GLU A 254 -6.29 19.48 -19.35
C GLU A 254 -4.91 18.85 -19.17
N VAL A 255 -4.21 19.19 -18.09
CA VAL A 255 -2.87 18.67 -17.88
C VAL A 255 -2.91 17.16 -17.60
N LEU A 256 -3.90 16.72 -16.82
CA LEU A 256 -3.99 15.31 -16.48
C LEU A 256 -4.24 14.45 -17.72
N LEU A 257 -5.15 14.89 -18.59
CA LEU A 257 -5.45 14.12 -19.79
C LEU A 257 -4.28 14.08 -20.76
N LYS A 258 -3.48 15.14 -20.81
CA LYS A 258 -2.29 15.12 -21.64
C LYS A 258 -1.31 14.05 -21.18
N ASN A 259 -1.38 13.62 -19.92
CA ASN A 259 -0.50 12.60 -19.37
C ASN A 259 -1.24 11.28 -19.13
N GLY A 260 -2.32 11.04 -19.88
CA GLY A 260 -2.96 9.74 -19.88
C GLY A 260 -3.88 9.48 -18.71
N ALA A 261 -4.56 10.50 -18.18
CA ALA A 261 -5.51 10.30 -17.10
C ALA A 261 -6.70 9.50 -17.62
N GLY A 262 -6.99 8.37 -16.96
CA GLY A 262 -8.13 7.55 -17.33
C GLY A 262 -9.42 8.34 -17.32
N VAL A 263 -9.88 8.75 -18.50
CA VAL A 263 -11.06 9.61 -18.60
C VAL A 263 -12.29 8.90 -18.07
N ASN A 264 -12.37 7.58 -18.26
CA ASN A 264 -13.50 6.79 -17.79
C ASN A 264 -13.20 6.05 -16.50
N ALA A 265 -12.21 6.52 -15.74
CA ALA A 265 -11.90 5.92 -14.44
C ALA A 265 -13.14 5.93 -13.56
N THR A 266 -13.43 4.78 -12.95
CA THR A 266 -14.57 4.64 -12.06
C THR A 266 -14.07 4.40 -10.64
N ASP A 267 -14.70 5.06 -9.68
CA ASP A 267 -14.35 4.88 -8.28
C ASP A 267 -15.10 3.67 -7.72
N VAL A 268 -15.14 3.53 -6.40
CA VAL A 268 -15.79 2.38 -5.79
C VAL A 268 -17.29 2.39 -6.04
N ILE A 269 -17.87 3.56 -6.34
CA ILE A 269 -19.29 3.67 -6.61
C ILE A 269 -19.60 3.62 -8.10
N GLY A 270 -18.58 3.54 -8.95
CA GLY A 270 -18.75 3.60 -10.38
C GLY A 270 -18.73 5.00 -10.96
N THR A 271 -18.79 6.03 -10.11
CA THR A 271 -18.80 7.40 -10.60
C THR A 271 -17.51 7.71 -11.35
N ALA A 272 -17.65 8.39 -12.49
CA ALA A 272 -16.53 8.77 -13.33
C ALA A 272 -16.43 10.29 -13.41
N PRO A 273 -15.28 10.81 -13.86
CA PRO A 273 -15.12 12.28 -13.89
C PRO A 273 -16.23 13.02 -14.62
N LEU A 274 -16.89 12.37 -15.57
CA LEU A 274 -17.95 13.05 -16.32
C LEU A 274 -19.20 13.22 -15.46
N HIS A 275 -19.42 12.33 -14.49
CA HIS A 275 -20.56 12.47 -13.61
C HIS A 275 -20.47 13.75 -12.78
N LEU A 276 -19.30 14.02 -12.20
CA LEU A 276 -19.15 15.20 -11.35
C LEU A 276 -19.07 16.47 -12.16
N ALA A 277 -18.54 16.41 -13.38
CA ALA A 277 -18.48 17.60 -14.23
C ALA A 277 -19.87 18.11 -14.57
N ALA A 278 -20.82 17.19 -14.79
CA ALA A 278 -22.20 17.59 -15.07
C ALA A 278 -22.95 17.90 -13.79
N MET A 279 -22.70 17.15 -12.71
CA MET A 279 -23.43 17.34 -11.47
C MET A 279 -23.20 18.74 -10.90
N TRP A 280 -21.99 19.26 -11.02
CA TRP A 280 -21.64 20.58 -10.48
C TRP A 280 -21.50 21.63 -11.57
N GLY A 281 -22.12 21.42 -12.73
CA GLY A 281 -22.18 22.42 -13.78
C GLY A 281 -20.84 23.01 -14.14
N HIS A 282 -19.98 22.21 -14.76
CA HIS A 282 -18.67 22.66 -15.25
C HIS A 282 -18.63 22.37 -16.74
N LEU A 283 -19.20 23.29 -17.53
CA LEU A 283 -19.37 23.06 -18.96
C LEU A 283 -18.04 22.77 -19.64
N GLU A 284 -17.03 23.59 -19.37
CA GLU A 284 -15.76 23.46 -20.10
C GLU A 284 -15.14 22.09 -19.88
N ILE A 285 -15.20 21.58 -18.65
CA ILE A 285 -14.61 20.27 -18.36
C ILE A 285 -15.34 19.18 -19.11
N VAL A 286 -16.66 19.30 -19.26
CA VAL A 286 -17.43 18.29 -19.99
C VAL A 286 -16.91 18.17 -21.41
N GLU A 287 -16.72 19.31 -22.08
CA GLU A 287 -16.22 19.29 -23.46
C GLU A 287 -14.90 18.55 -23.56
N VAL A 288 -13.93 18.91 -22.71
CA VAL A 288 -12.60 18.31 -22.81
C VAL A 288 -12.67 16.81 -22.56
N LEU A 289 -13.48 16.39 -21.59
CA LEU A 289 -13.60 14.97 -21.30
C LEU A 289 -14.19 14.22 -22.50
N LEU A 290 -15.22 14.78 -23.13
CA LEU A 290 -15.80 14.15 -24.32
C LEU A 290 -14.81 14.15 -25.47
N LYS A 291 -13.96 15.18 -25.56
CA LYS A 291 -12.94 15.21 -26.61
C LYS A 291 -11.94 14.06 -26.44
N HIS A 292 -11.74 13.59 -25.22
CA HIS A 292 -10.80 12.51 -24.94
C HIS A 292 -11.50 11.16 -24.78
N GLY A 293 -12.76 11.06 -25.22
CA GLY A 293 -13.45 9.78 -25.23
C GLY A 293 -14.13 9.44 -23.92
N ALA A 294 -14.84 10.40 -23.33
CA ALA A 294 -15.60 10.15 -22.11
C ALA A 294 -16.95 9.55 -22.48
N ASP A 295 -17.20 8.33 -22.02
CA ASP A 295 -18.43 7.62 -22.35
C ASP A 295 -19.58 8.18 -21.55
N VAL A 296 -20.68 8.53 -22.24
CA VAL A 296 -21.87 9.06 -21.59
C VAL A 296 -22.85 7.97 -21.18
N ASN A 297 -22.63 6.73 -21.60
CA ASN A 297 -23.55 5.63 -21.29
C ASN A 297 -23.35 5.09 -19.88
N ALA A 298 -22.21 5.35 -19.25
CA ALA A 298 -21.90 4.78 -17.96
C ALA A 298 -22.86 5.29 -16.88
N GLN A 299 -23.34 4.38 -16.04
CA GLN A 299 -24.18 4.70 -14.90
C GLN A 299 -23.37 4.52 -13.61
N ASP A 300 -24.06 4.40 -12.48
CA ASP A 300 -23.38 4.33 -11.19
C ASP A 300 -24.33 3.67 -10.17
N LYS A 301 -24.03 3.84 -8.89
CA LYS A 301 -24.87 3.31 -7.82
C LYS A 301 -26.34 3.66 -8.06
N PHE A 302 -26.64 4.95 -8.12
CA PHE A 302 -28.01 5.40 -8.34
C PHE A 302 -28.53 5.02 -9.72
N GLY A 303 -27.68 4.50 -10.60
CA GLY A 303 -28.11 4.13 -11.94
C GLY A 303 -28.32 5.30 -12.87
N LYS A 304 -27.78 6.46 -12.56
CA LYS A 304 -27.97 7.67 -13.36
C LYS A 304 -26.77 7.90 -14.27
N THR A 305 -27.04 8.38 -15.48
CA THR A 305 -26.01 8.79 -16.41
C THR A 305 -25.66 10.25 -16.20
N PRO A 306 -24.56 10.72 -16.79
CA PRO A 306 -24.22 12.15 -16.66
C PRO A 306 -25.33 13.08 -17.13
N PHE A 307 -26.21 12.62 -18.02
CA PHE A 307 -27.29 13.47 -18.48
C PHE A 307 -28.35 13.64 -17.41
N ASP A 308 -28.69 12.57 -16.69
CA ASP A 308 -29.66 12.67 -15.61
C ASP A 308 -29.16 13.63 -14.53
N LEU A 309 -27.88 13.55 -14.19
CA LEU A 309 -27.33 14.38 -13.13
C LEU A 309 -27.31 15.85 -13.52
N ALA A 310 -27.23 16.14 -14.83
CA ALA A 310 -27.20 17.53 -15.28
C ALA A 310 -28.56 18.20 -15.10
N ILE A 311 -29.65 17.45 -15.22
CA ILE A 311 -30.98 18.03 -15.07
C ILE A 311 -31.32 18.19 -13.58
N ASP A 312 -30.92 17.23 -12.75
CA ASP A 312 -31.30 17.28 -11.34
C ASP A 312 -30.75 18.52 -10.66
N ASN A 313 -29.49 18.86 -10.93
CA ASN A 313 -28.86 20.03 -10.30
C ASN A 313 -29.21 21.34 -11.01
N GLY A 314 -30.30 21.38 -11.76
CA GLY A 314 -30.72 22.62 -12.40
C GLY A 314 -29.71 23.18 -13.38
N ASN A 315 -29.04 22.31 -14.13
CA ASN A 315 -28.04 22.73 -15.12
C ASN A 315 -28.44 22.12 -16.46
N GLU A 316 -29.45 22.73 -17.10
CA GLU A 316 -29.88 22.26 -18.41
C GLU A 316 -28.89 22.60 -19.52
N ASP A 317 -28.06 23.62 -19.31
CA ASP A 317 -27.11 24.04 -20.35
C ASP A 317 -26.14 22.92 -20.67
N ILE A 318 -25.61 22.24 -19.65
CA ILE A 318 -24.71 21.13 -19.89
C ILE A 318 -25.46 19.93 -20.44
N ALA A 319 -26.72 19.76 -20.03
CA ALA A 319 -27.50 18.62 -20.48
C ALA A 319 -27.72 18.66 -21.99
N GLU A 320 -27.96 19.84 -22.55
CA GLU A 320 -28.20 19.96 -23.98
C GLU A 320 -26.99 19.51 -24.79
N VAL A 321 -25.79 19.61 -24.21
CA VAL A 321 -24.58 19.19 -24.92
C VAL A 321 -24.49 17.68 -24.95
N LEU A 322 -24.90 17.01 -23.87
CA LEU A 322 -24.81 15.56 -23.80
C LEU A 322 -25.79 14.89 -24.78
N GLN A 323 -26.98 15.46 -24.92
CA GLN A 323 -27.97 14.89 -25.84
C GLN A 323 -27.37 14.69 -27.23
N LYS A 324 -26.68 15.70 -27.75
CA LYS A 324 -26.13 15.64 -29.09
C LYS A 324 -25.11 14.50 -29.22
N ALA A 325 -24.29 14.31 -28.19
CA ALA A 325 -23.31 13.23 -28.18
C ALA A 325 -22.39 13.29 -29.39
#